data_3MBJ
#
_entry.id   3MBJ
#
_cell.length_a   161.627
_cell.length_b   161.627
_cell.length_c   76.138
_cell.angle_alpha   90.00
_cell.angle_beta   90.00
_cell.angle_gamma   120.00
#
_symmetry.space_group_name_H-M   'H 3 2'
#
loop_
_entity.id
_entity.type
_entity.pdbx_description
1 polymer 'Putative phosphomethylpyrimidine kinase'
2 non-polymer 'ZINC ION'
3 non-polymer 'CHLORIDE ION'
4 non-polymer 'SULFATE ION'
5 non-polymer IMIDAZOLE
6 non-polymer (4S)-2-METHYL-2,4-PENTANEDIOL
7 non-polymer (4R)-2-METHYLPENTANE-2,4-DIOL
8 water water
#
_entity_poly.entity_id   1
_entity_poly.type   'polypeptide(L)'
_entity_poly.pdbx_seq_one_letter_code
;G(MSE)YANKVKKIAAVHDLSG(MSE)GRVSLTVVIPILSS(MSE)GFQVCPLPTAVLSNHTQYPGFSFLDLTDE(MSE)
PKIIAEWKKLEVQFDAIYTGYLGSPRQIQIVSDFIKDFRQPDSLIVADPVLGDNGRLYTNFD(MSE)E(MSE)VKE
(MSE)RHLITKADVITPNLTELFYLLDEPYKADSTDEELKEYLRLLSDKGPQVVIITSVPVHDEPHKTSVYAYNRQGNRY
WKVTCPYLPAHYPGTGDTFTSVITGSL(MSE)QGDSLP(MSE)ALDRATQFILQGIRATFGYEYDNREGILLEKVLHNLD
(MSE)PIQ(MSE)ASYELI
;
_entity_poly.pdbx_strand_id   A
#
loop_
_chem_comp.id
_chem_comp.type
_chem_comp.name
_chem_comp.formula
CL non-polymer 'CHLORIDE ION' 'Cl -1'
IMD non-polymer IMIDAZOLE 'C3 H5 N2 1'
MPD non-polymer (4S)-2-METHYL-2,4-PENTANEDIOL 'C6 H14 O2'
MRD non-polymer (4R)-2-METHYLPENTANE-2,4-DIOL 'C6 H14 O2'
SO4 non-polymer 'SULFATE ION' 'O4 S -2'
ZN non-polymer 'ZINC ION' 'Zn 2'
#
# COMPACT_ATOMS: atom_id res chain seq x y z
N GLY A 1 4.64 -15.49 21.18
CA GLY A 1 5.48 -16.72 21.10
C GLY A 1 6.29 -16.85 22.37
N MSE A 2 7.44 -17.54 22.30
CA MSE A 2 8.35 -17.66 23.48
C MSE A 2 8.94 -16.33 24.05
O MSE A 2 9.09 -16.18 25.28
CB MSE A 2 9.52 -18.60 23.14
CG MSE A 2 9.20 -20.09 23.16
SE MSE A 2 10.87 -21.12 22.89
CE MSE A 2 11.55 -21.16 24.77
N TYR A 3 9.34 -15.40 23.16
CA TYR A 3 9.97 -14.11 23.52
C TYR A 3 9.44 -12.95 22.64
N ALA A 4 9.64 -11.68 23.07
CA ALA A 4 9.25 -10.49 22.27
C ALA A 4 10.06 -10.42 20.95
N ASN A 5 9.49 -9.88 19.89
CA ASN A 5 10.19 -9.84 18.60
C ASN A 5 11.48 -9.03 18.66
N LYS A 6 12.62 -9.60 18.25
CA LYS A 6 13.89 -8.83 18.14
C LYS A 6 13.96 -8.10 16.82
N VAL A 7 13.29 -8.64 15.80
CA VAL A 7 13.01 -7.92 14.57
C VAL A 7 11.50 -7.87 14.42
N LYS A 8 10.96 -6.67 14.26
CA LYS A 8 9.53 -6.54 14.16
C LYS A 8 9.01 -7.32 12.97
N LYS A 9 7.87 -7.98 13.18
CA LYS A 9 7.23 -8.83 12.20
C LYS A 9 5.98 -8.22 11.59
N ILE A 10 5.92 -8.31 10.26
CA ILE A 10 4.88 -7.75 9.46
C ILE A 10 4.23 -8.86 8.60
N ALA A 11 2.98 -9.19 8.94
CA ALA A 11 2.16 -10.04 8.09
C ALA A 11 1.77 -9.31 6.81
N ALA A 12 2.17 -9.89 5.68
CA ALA A 12 1.97 -9.33 4.36
C ALA A 12 0.98 -10.17 3.57
N VAL A 13 -0.19 -9.61 3.35
CA VAL A 13 -1.27 -10.29 2.65
C VAL A 13 -1.32 -9.73 1.23
N HIS A 14 -0.57 -10.39 0.34
CA HIS A 14 -0.42 -10.02 -1.07
C HIS A 14 -0.22 -11.34 -1.84
N ASP A 15 -0.37 -11.29 -3.15
CA ASP A 15 -0.04 -12.44 -3.99
C ASP A 15 1.47 -12.64 -4.20
N LEU A 16 1.83 -13.80 -4.72
CA LEU A 16 3.19 -14.10 -5.17
C LEU A 16 3.15 -14.19 -6.69
N SER A 17 3.87 -13.30 -7.36
N SER A 17 3.86 -13.27 -7.35
CA SER A 17 3.95 -13.30 -8.79
CA SER A 17 3.97 -13.26 -8.79
C SER A 17 5.39 -13.54 -9.20
C SER A 17 5.41 -13.59 -9.16
N GLY A 18 5.55 -14.41 -10.18
CA GLY A 18 6.86 -14.85 -10.63
C GLY A 18 7.65 -13.80 -11.36
N MSE A 19 6.96 -12.96 -12.13
CA MSE A 19 7.60 -11.96 -13.00
C MSE A 19 6.84 -10.64 -12.82
O MSE A 19 5.66 -10.60 -12.43
CB MSE A 19 7.63 -12.41 -14.47
CG MSE A 19 9.01 -12.97 -14.94
SE MSE A 19 10.28 -11.48 -14.98
CE MSE A 19 9.57 -10.51 -16.57
N GLY A 20 7.54 -9.55 -13.11
CA GLY A 20 7.08 -8.25 -12.70
C GLY A 20 7.65 -8.00 -11.33
N ARG A 21 7.56 -6.75 -10.89
CA ARG A 21 7.84 -6.38 -9.52
C ARG A 21 6.57 -5.82 -8.88
N VAL A 22 5.80 -6.73 -8.26
CA VAL A 22 4.50 -6.39 -7.67
C VAL A 22 4.35 -7.19 -6.40
N SER A 23 3.43 -6.76 -5.55
CA SER A 23 2.97 -7.63 -4.47
C SER A 23 4.17 -8.17 -3.65
N LEU A 24 4.22 -9.46 -3.36
CA LEU A 24 5.20 -9.97 -2.40
C LEU A 24 6.64 -9.85 -2.86
N THR A 25 6.89 -9.82 -4.17
CA THR A 25 8.28 -9.74 -4.59
C THR A 25 8.83 -8.31 -4.52
N VAL A 26 7.97 -7.31 -4.23
CA VAL A 26 8.43 -5.98 -3.82
C VAL A 26 8.28 -5.76 -2.30
N VAL A 27 7.16 -6.12 -1.73
CA VAL A 27 6.96 -6.00 -0.30
C VAL A 27 8.08 -6.69 0.48
N ILE A 28 8.44 -7.91 0.10
CA ILE A 28 9.43 -8.65 0.92
C ILE A 28 10.83 -7.95 0.95
N PRO A 29 11.38 -7.63 -0.22
CA PRO A 29 12.76 -7.07 -0.20
C PRO A 29 12.80 -5.65 0.35
N ILE A 30 11.80 -4.82 0.03
CA ILE A 30 11.74 -3.52 0.64
C ILE A 30 11.68 -3.53 2.19
N LEU A 31 10.71 -4.20 2.76
CA LEU A 31 10.53 -4.10 4.21
C LEU A 31 11.64 -4.85 4.93
N SER A 32 12.14 -5.92 4.33
CA SER A 32 13.29 -6.59 4.90
C SER A 32 14.53 -5.67 4.89
N SER A 33 14.66 -4.82 3.85
CA SER A 33 15.85 -3.95 3.73
C SER A 33 15.73 -2.76 4.69
N MSE A 34 14.48 -2.45 5.09
CA MSE A 34 14.16 -1.46 6.12
C MSE A 34 14.20 -1.96 7.54
O MSE A 34 13.91 -1.19 8.43
CB MSE A 34 12.80 -0.78 5.77
CG MSE A 34 12.85 -0.08 4.45
SE MSE A 34 11.26 0.98 3.96
CE MSE A 34 11.75 2.42 5.09
N GLY A 35 14.57 -3.22 7.77
CA GLY A 35 14.73 -3.75 9.15
C GLY A 35 13.67 -4.70 9.72
N PHE A 36 12.73 -5.13 8.87
CA PHE A 36 11.51 -5.84 9.33
C PHE A 36 11.36 -7.19 8.66
N GLN A 37 10.94 -8.19 9.45
CA GLN A 37 10.60 -9.50 8.92
C GLN A 37 9.23 -9.50 8.26
N VAL A 38 9.16 -9.88 6.97
CA VAL A 38 7.89 -9.98 6.24
C VAL A 38 7.44 -11.45 6.29
N CYS A 39 6.27 -11.70 6.85
CA CYS A 39 5.73 -13.04 6.97
C CYS A 39 4.58 -13.12 5.99
N PRO A 40 4.78 -13.74 4.81
CA PRO A 40 3.74 -13.76 3.78
C PRO A 40 2.56 -14.67 4.11
N LEU A 41 1.37 -14.12 3.89
CA LEU A 41 0.12 -14.83 3.80
C LEU A 41 -0.36 -14.65 2.34
N PRO A 42 0.08 -15.54 1.45
CA PRO A 42 -0.16 -15.33 0.04
C PRO A 42 -1.64 -15.51 -0.36
N THR A 43 -2.13 -14.66 -1.25
CA THR A 43 -3.53 -14.73 -1.66
C THR A 43 -3.73 -15.55 -2.95
N ALA A 44 -2.65 -15.76 -3.70
CA ALA A 44 -2.67 -16.38 -5.02
C ALA A 44 -1.24 -16.55 -5.49
N VAL A 45 -1.02 -17.48 -6.41
CA VAL A 45 0.28 -17.61 -7.10
C VAL A 45 0.05 -17.38 -8.58
N LEU A 46 0.85 -16.48 -9.15
CA LEU A 46 0.75 -16.08 -10.55
C LEU A 46 2.10 -16.18 -11.24
N SER A 47 2.13 -16.53 -12.51
CA SER A 47 3.36 -16.50 -13.28
C SER A 47 3.85 -15.06 -13.40
N ASN A 48 2.90 -14.14 -13.45
CA ASN A 48 3.18 -12.73 -13.73
C ASN A 48 1.93 -11.90 -13.53
N HIS A 49 2.08 -10.60 -13.36
CA HIS A 49 0.88 -9.78 -13.10
C HIS A 49 -0.01 -9.80 -14.31
N THR A 50 -1.21 -9.28 -14.14
CA THR A 50 -2.29 -9.43 -15.12
C THR A 50 -2.27 -8.29 -16.16
N GLN A 51 -1.21 -7.48 -16.15
CA GLN A 51 -1.02 -6.44 -17.17
C GLN A 51 -0.27 -6.98 -18.35
N TYR A 52 0.23 -8.20 -18.27
CA TYR A 52 0.72 -8.92 -19.46
C TYR A 52 -0.49 -9.54 -20.17
N PRO A 53 -0.34 -10.03 -21.40
CA PRO A 53 -1.55 -10.54 -22.06
C PRO A 53 -2.10 -11.80 -21.40
N GLY A 54 -1.25 -12.75 -21.04
CA GLY A 54 -1.69 -13.96 -20.31
C GLY A 54 -0.95 -14.07 -18.99
N PHE A 55 -1.44 -14.96 -18.13
CA PHE A 55 -0.83 -15.27 -16.84
C PHE A 55 -1.39 -16.57 -16.29
N SER A 56 -0.58 -17.32 -15.57
CA SER A 56 -1.13 -18.40 -14.80
C SER A 56 -1.71 -17.80 -13.53
N PHE A 57 -2.70 -18.49 -12.98
CA PHE A 57 -3.32 -18.02 -11.74
C PHE A 57 -3.80 -19.18 -10.90
N LEU A 58 -3.32 -19.23 -9.65
CA LEU A 58 -3.76 -20.24 -8.68
C LEU A 58 -4.28 -19.52 -7.45
N ASP A 59 -5.59 -19.59 -7.23
CA ASP A 59 -6.25 -18.96 -6.09
C ASP A 59 -5.87 -19.71 -4.79
N LEU A 60 -5.38 -18.97 -3.78
N LEU A 60 -5.39 -18.97 -3.78
CA LEU A 60 -4.98 -19.55 -2.49
CA LEU A 60 -5.01 -19.58 -2.49
C LEU A 60 -6.00 -19.27 -1.36
C LEU A 60 -5.99 -19.25 -1.36
N THR A 61 -7.18 -18.78 -1.73
CA THR A 61 -8.28 -18.53 -0.76
C THR A 61 -8.47 -19.65 0.24
N ASP A 62 -8.47 -20.87 -0.25
CA ASP A 62 -8.66 -22.01 0.66
C ASP A 62 -7.46 -22.35 1.55
N GLU A 63 -6.25 -21.96 1.15
CA GLU A 63 -5.07 -22.22 2.00
C GLU A 63 -4.90 -21.14 3.08
N MSE A 64 -5.36 -19.91 2.83
CA MSE A 64 -5.16 -18.81 3.77
C MSE A 64 -5.53 -19.18 5.21
O MSE A 64 -4.71 -18.98 6.12
CB MSE A 64 -5.85 -17.52 3.31
CG MSE A 64 -5.16 -16.90 2.13
SE MSE A 64 -6.16 -15.49 1.25
CE MSE A 64 -5.66 -14.12 2.46
N PRO A 65 -6.75 -19.72 5.44
CA PRO A 65 -7.16 -20.06 6.82
C PRO A 65 -6.33 -21.15 7.48
N LYS A 66 -5.82 -22.08 6.68
CA LYS A 66 -4.94 -23.14 7.17
C LYS A 66 -3.60 -22.59 7.69
N ILE A 67 -3.03 -21.64 6.96
CA ILE A 67 -1.81 -20.95 7.37
C ILE A 67 -2.03 -20.21 8.68
N ILE A 68 -3.13 -19.47 8.74
CA ILE A 68 -3.51 -18.70 9.91
C ILE A 68 -3.74 -19.60 11.12
N ALA A 69 -4.37 -20.75 10.92
CA ALA A 69 -4.58 -21.68 12.02
C ALA A 69 -3.23 -22.12 12.61
N GLU A 70 -2.24 -22.34 11.76
CA GLU A 70 -0.91 -22.68 12.21
C GLU A 70 -0.21 -21.52 12.93
N TRP A 71 -0.34 -20.30 12.42
CA TRP A 71 0.22 -19.14 13.06
C TRP A 71 -0.33 -18.94 14.46
N LYS A 72 -1.60 -19.26 14.66
CA LYS A 72 -2.23 -19.21 16.00
C LYS A 72 -1.58 -20.21 16.93
N LYS A 73 -1.31 -21.40 16.42
CA LYS A 73 -0.66 -22.44 17.22
C LYS A 73 0.77 -22.04 17.59
N LEU A 74 1.48 -21.40 16.67
CA LEU A 74 2.82 -20.85 16.94
C LEU A 74 2.81 -19.62 17.88
N GLU A 75 1.63 -19.04 18.12
CA GLU A 75 1.48 -17.82 18.91
C GLU A 75 2.34 -16.67 18.43
N VAL A 76 2.47 -16.54 17.11
CA VAL A 76 3.26 -15.46 16.52
C VAL A 76 2.56 -14.13 16.81
N GLN A 77 3.34 -13.12 17.19
CA GLN A 77 2.87 -11.77 17.36
C GLN A 77 3.35 -10.91 16.22
N PHE A 78 2.41 -10.27 15.56
CA PHE A 78 2.70 -9.37 14.46
C PHE A 78 2.68 -7.91 14.94
N ASP A 79 3.72 -7.16 14.60
CA ASP A 79 3.81 -5.75 14.93
C ASP A 79 3.05 -4.93 13.91
N ALA A 80 2.86 -5.48 12.74
CA ALA A 80 2.05 -4.80 11.73
C ALA A 80 1.41 -5.84 10.84
N ILE A 81 0.30 -5.46 10.23
CA ILE A 81 -0.38 -6.25 9.23
C ILE A 81 -0.64 -5.33 8.04
N TYR A 82 -0.16 -5.74 6.87
CA TYR A 82 -0.25 -4.94 5.65
C TYR A 82 -0.96 -5.79 4.61
N THR A 83 -2.13 -5.32 4.20
CA THR A 83 -2.92 -5.94 3.16
C THR A 83 -2.80 -5.18 1.85
N GLY A 84 -2.75 -5.90 0.74
CA GLY A 84 -2.82 -5.27 -0.60
C GLY A 84 -4.00 -5.70 -1.44
N TYR A 85 -3.74 -6.15 -2.67
CA TYR A 85 -4.82 -6.50 -3.58
C TYR A 85 -5.47 -7.77 -3.07
N LEU A 86 -6.77 -7.69 -2.79
CA LEU A 86 -7.57 -8.85 -2.37
C LEU A 86 -8.60 -9.19 -3.48
N GLY A 87 -8.72 -10.48 -3.79
CA GLY A 87 -9.47 -10.93 -4.94
C GLY A 87 -10.97 -10.98 -4.80
N SER A 88 -11.50 -10.91 -3.58
CA SER A 88 -12.92 -11.16 -3.38
C SER A 88 -13.39 -10.77 -2.01
N PRO A 89 -14.73 -10.69 -1.83
CA PRO A 89 -15.28 -10.50 -0.49
C PRO A 89 -14.88 -11.60 0.48
N ARG A 90 -14.74 -12.81 -0.01
CA ARG A 90 -14.31 -13.91 0.85
C ARG A 90 -12.90 -13.65 1.41
N GLN A 91 -11.96 -13.20 0.56
CA GLN A 91 -10.61 -12.87 1.07
C GLN A 91 -10.68 -11.73 2.08
N ILE A 92 -11.51 -10.71 1.84
CA ILE A 92 -11.68 -9.64 2.80
C ILE A 92 -12.14 -10.23 4.14
N GLN A 93 -13.01 -11.24 4.11
CA GLN A 93 -13.58 -11.85 5.35
C GLN A 93 -12.44 -12.52 6.15
N ILE A 94 -11.61 -13.27 5.43
CA ILE A 94 -10.48 -13.96 6.02
C ILE A 94 -9.53 -12.96 6.63
N VAL A 95 -9.20 -11.93 5.88
CA VAL A 95 -8.24 -10.95 6.29
C VAL A 95 -8.78 -10.17 7.50
N SER A 96 -10.06 -9.79 7.41
CA SER A 96 -10.76 -9.11 8.48
C SER A 96 -10.77 -9.92 9.78
N ASP A 97 -11.07 -11.20 9.68
CA ASP A 97 -11.00 -12.10 10.85
C ASP A 97 -9.57 -12.26 11.34
N PHE A 98 -8.60 -12.29 10.41
CA PHE A 98 -7.19 -12.37 10.78
C PHE A 98 -6.74 -11.16 11.61
N ILE A 99 -7.09 -9.96 11.16
CA ILE A 99 -6.76 -8.73 11.88
C ILE A 99 -7.39 -8.77 13.27
N LYS A 100 -8.66 -9.13 13.33
CA LYS A 100 -9.35 -9.24 14.61
C LYS A 100 -8.59 -10.16 15.58
N ASP A 101 -8.20 -11.33 15.12
CA ASP A 101 -7.59 -12.30 16.02
C ASP A 101 -6.16 -11.95 16.38
N PHE A 102 -5.43 -11.29 15.51
CA PHE A 102 -3.97 -11.10 15.73
C PHE A 102 -3.59 -9.67 16.13
N ARG A 103 -4.53 -8.74 16.15
CA ARG A 103 -4.18 -7.38 16.51
C ARG A 103 -3.80 -7.26 17.99
N GLN A 104 -2.88 -6.35 18.29
CA GLN A 104 -2.50 -6.07 19.66
C GLN A 104 -2.52 -4.59 19.83
N PRO A 105 -2.40 -4.12 21.08
CA PRO A 105 -2.59 -2.68 21.31
C PRO A 105 -1.67 -1.83 20.48
N ASP A 106 -0.48 -2.32 20.18
CA ASP A 106 0.47 -1.57 19.36
C ASP A 106 0.54 -1.91 17.89
N SER A 107 -0.24 -2.87 17.41
CA SER A 107 -0.27 -3.17 15.99
C SER A 107 -0.49 -1.95 15.06
N LEU A 108 0.29 -1.88 13.97
CA LEU A 108 -0.01 -1.00 12.86
C LEU A 108 -0.71 -1.84 11.79
N ILE A 109 -1.92 -1.45 11.41
CA ILE A 109 -2.71 -2.10 10.36
C ILE A 109 -2.75 -1.16 9.19
N VAL A 110 -2.17 -1.60 8.08
CA VAL A 110 -2.06 -0.86 6.84
C VAL A 110 -2.81 -1.64 5.77
N ALA A 111 -3.78 -0.99 5.13
CA ALA A 111 -4.55 -1.56 4.05
C ALA A 111 -4.44 -0.67 2.82
N ASP A 112 -3.95 -1.26 1.72
CA ASP A 112 -4.04 -0.60 0.42
C ASP A 112 -5.39 -1.04 -0.21
N PRO A 113 -6.37 -0.13 -0.35
CA PRO A 113 -7.72 -0.59 -0.72
C PRO A 113 -7.83 -0.70 -2.22
N VAL A 114 -7.15 -1.72 -2.76
CA VAL A 114 -6.97 -1.89 -4.17
C VAL A 114 -8.33 -2.21 -4.83
N LEU A 115 -8.82 -1.25 -5.62
CA LEU A 115 -10.14 -1.36 -6.21
C LEU A 115 -10.22 -0.94 -7.69
N GLY A 116 -9.44 0.04 -8.10
CA GLY A 116 -9.56 0.57 -9.45
C GLY A 116 -8.50 1.62 -9.71
N ASP A 117 -8.64 2.29 -10.86
CA ASP A 117 -7.74 3.34 -11.30
C ASP A 117 -8.35 4.05 -12.52
N ASN A 118 -7.83 5.22 -12.85
CA ASN A 118 -8.37 6.06 -13.94
C ASN A 118 -9.89 6.14 -13.95
N GLY A 119 -10.46 6.15 -12.76
CA GLY A 119 -11.89 6.32 -12.60
C GLY A 119 -12.79 5.12 -12.77
N ARG A 120 -12.26 3.95 -13.10
CA ARG A 120 -13.08 2.77 -13.31
C ARG A 120 -12.62 1.75 -12.28
N LEU A 121 -13.51 0.82 -11.91
CA LEU A 121 -13.12 -0.31 -11.08
C LEU A 121 -12.29 -1.25 -11.90
N TYR A 122 -11.34 -1.95 -11.25
CA TYR A 122 -10.67 -3.06 -11.93
C TYR A 122 -11.73 -4.05 -12.34
N THR A 123 -11.49 -4.70 -13.46
CA THR A 123 -12.55 -5.33 -14.25
C THR A 123 -13.10 -6.65 -13.63
N ASN A 124 -12.23 -7.32 -12.89
CA ASN A 124 -12.58 -8.33 -11.92
C ASN A 124 -13.80 -7.98 -11.00
N PHE A 125 -13.96 -6.69 -10.66
CA PHE A 125 -14.67 -6.24 -9.43
C PHE A 125 -15.96 -5.50 -9.68
N ASP A 126 -16.77 -5.34 -8.64
CA ASP A 126 -18.01 -4.57 -8.71
C ASP A 126 -18.26 -3.80 -7.40
N MSE A 127 -19.43 -3.18 -7.28
CA MSE A 127 -19.76 -2.37 -6.12
C MSE A 127 -19.80 -3.15 -4.79
O MSE A 127 -19.60 -2.56 -3.74
CB MSE A 127 -21.06 -1.60 -6.33
CG MSE A 127 -20.93 -0.46 -7.36
SE MSE A 127 -19.58 0.93 -6.89
CE MSE A 127 -20.31 1.37 -5.10
N GLU A 128 -20.02 -4.47 -4.83
CA GLU A 128 -20.01 -5.27 -3.58
C GLU A 128 -18.62 -5.43 -3.04
N MSE A 129 -17.66 -5.52 -3.94
CA MSE A 129 -16.28 -5.57 -3.54
C MSE A 129 -15.90 -4.19 -2.92
O MSE A 129 -15.21 -4.14 -1.89
CB MSE A 129 -15.44 -5.93 -4.76
CG MSE A 129 -14.02 -6.12 -4.47
SE MSE A 129 -13.67 -7.57 -3.26
CE MSE A 129 -11.92 -7.02 -2.80
N VAL A 130 -16.41 -3.10 -3.49
CA VAL A 130 -16.22 -1.78 -2.90
C VAL A 130 -16.83 -1.74 -1.49
N LYS A 131 -18.05 -2.27 -1.33
CA LYS A 131 -18.73 -2.28 -0.01
C LYS A 131 -17.92 -3.04 1.04
N GLU A 132 -17.39 -4.19 0.68
CA GLU A 132 -16.59 -4.98 1.62
C GLU A 132 -15.22 -4.40 1.95
N MSE A 133 -14.55 -3.76 0.98
CA MSE A 133 -13.29 -3.01 1.26
C MSE A 133 -13.58 -1.85 2.24
O MSE A 133 -12.82 -1.58 3.14
CB MSE A 133 -12.66 -2.47 -0.03
CG MSE A 133 -11.27 -1.88 0.14
SE MSE A 133 -10.01 -3.09 0.97
CE MSE A 133 -9.34 -4.15 -0.51
N ARG A 134 -14.72 -1.21 2.06
CA ARG A 134 -15.17 -0.15 2.96
C ARG A 134 -15.35 -0.67 4.43
N HIS A 135 -15.90 -1.87 4.57
CA HIS A 135 -15.98 -2.55 5.87
C HIS A 135 -14.60 -2.91 6.41
N LEU A 136 -13.70 -3.36 5.54
CA LEU A 136 -12.35 -3.72 5.99
C LEU A 136 -11.55 -2.51 6.55
N ILE A 137 -11.62 -1.38 5.85
CA ILE A 137 -10.80 -0.22 6.23
C ILE A 137 -11.22 0.39 7.57
N THR A 138 -12.43 0.10 8.03
CA THR A 138 -12.82 0.51 9.36
C THR A 138 -11.82 -0.04 10.41
N LYS A 139 -11.20 -1.20 10.15
N LYS A 139 -11.18 -1.19 10.16
CA LYS A 139 -10.22 -1.81 11.06
CA LYS A 139 -10.21 -1.75 11.10
C LYS A 139 -8.75 -1.32 10.89
C LYS A 139 -8.74 -1.38 10.84
N ALA A 140 -8.50 -0.46 9.91
CA ALA A 140 -7.13 -0.07 9.54
C ALA A 140 -6.72 1.24 10.22
N ASP A 141 -5.43 1.37 10.47
CA ASP A 141 -4.85 2.61 10.98
C ASP A 141 -4.39 3.53 9.88
N VAL A 142 -3.88 2.93 8.78
CA VAL A 142 -3.35 3.66 7.61
C VAL A 142 -3.89 3.01 6.33
N ILE A 143 -4.50 3.82 5.47
CA ILE A 143 -4.91 3.38 4.16
C ILE A 143 -4.28 4.27 3.09
N THR A 144 -4.08 3.70 1.88
CA THR A 144 -3.40 4.38 0.78
C THR A 144 -4.19 4.27 -0.55
N PRO A 145 -5.42 4.79 -0.57
CA PRO A 145 -6.19 4.78 -1.83
C PRO A 145 -5.58 5.69 -2.88
N ASN A 146 -5.70 5.32 -4.15
CA ASN A 146 -5.54 6.28 -5.21
C ASN A 146 -6.79 7.13 -5.28
N LEU A 147 -6.74 8.18 -6.10
CA LEU A 147 -7.88 9.08 -6.25
C LEU A 147 -9.18 8.37 -6.67
N THR A 148 -9.07 7.33 -7.51
CA THR A 148 -10.25 6.53 -7.92
C THR A 148 -10.86 5.82 -6.72
N GLU A 149 -9.99 5.22 -5.93
CA GLU A 149 -10.40 4.52 -4.75
C GLU A 149 -10.98 5.39 -3.66
N LEU A 150 -10.42 6.58 -3.49
CA LEU A 150 -10.99 7.55 -2.59
C LEU A 150 -12.51 7.71 -2.87
N PHE A 151 -12.82 8.05 -4.12
CA PHE A 151 -14.19 8.36 -4.47
C PHE A 151 -15.10 7.13 -4.32
N TYR A 152 -14.67 5.96 -4.78
CA TYR A 152 -15.47 4.75 -4.57
C TYR A 152 -15.68 4.46 -3.08
N LEU A 153 -14.65 4.57 -2.27
CA LEU A 153 -14.79 4.26 -0.84
C LEU A 153 -15.78 5.22 -0.18
N LEU A 154 -15.80 6.45 -0.64
CA LEU A 154 -16.75 7.46 -0.15
C LEU A 154 -18.12 7.37 -0.83
N ASP A 155 -18.23 6.58 -1.90
CA ASP A 155 -19.49 6.39 -2.60
C ASP A 155 -19.92 7.71 -3.25
N GLU A 156 -18.96 8.31 -3.95
CA GLU A 156 -19.03 9.66 -4.52
C GLU A 156 -18.62 9.63 -5.99
N PRO A 157 -19.26 10.47 -6.83
CA PRO A 157 -18.81 10.49 -8.22
C PRO A 157 -17.32 10.86 -8.35
N TYR A 158 -16.57 10.12 -9.17
CA TYR A 158 -15.18 10.45 -9.41
C TYR A 158 -15.07 11.89 -9.94
N LYS A 159 -14.16 12.68 -9.38
CA LYS A 159 -13.87 14.03 -9.89
C LYS A 159 -12.33 14.12 -10.04
N ALA A 160 -11.85 14.50 -11.22
CA ALA A 160 -10.38 14.51 -11.51
C ALA A 160 -9.67 15.82 -11.13
N ASP A 161 -10.43 16.92 -11.08
CA ASP A 161 -9.93 18.20 -10.55
C ASP A 161 -10.75 18.59 -9.30
N SER A 162 -10.16 18.45 -8.12
CA SER A 162 -10.76 18.97 -6.88
C SER A 162 -9.86 20.04 -6.33
N THR A 163 -10.40 20.98 -5.56
CA THR A 163 -9.56 21.98 -4.90
C THR A 163 -8.80 21.28 -3.75
N ASP A 164 -7.82 21.96 -3.17
CA ASP A 164 -7.16 21.39 -1.99
C ASP A 164 -8.16 21.30 -0.85
N GLU A 165 -9.01 22.32 -0.75
CA GLU A 165 -10.03 22.35 0.30
C GLU A 165 -11.02 21.20 0.19
N GLU A 166 -11.37 20.83 -1.04
CA GLU A 166 -12.27 19.72 -1.27
C GLU A 166 -11.59 18.41 -0.93
N LEU A 167 -10.34 18.25 -1.36
CA LEU A 167 -9.55 17.06 -1.01
C LEU A 167 -9.38 16.91 0.49
N LYS A 168 -9.20 18.03 1.20
CA LYS A 168 -9.10 17.96 2.68
C LYS A 168 -10.39 17.37 3.25
N GLU A 169 -11.52 17.89 2.78
CA GLU A 169 -12.86 17.39 3.13
C GLU A 169 -12.97 15.86 2.88
N TYR A 170 -12.55 15.43 1.69
CA TYR A 170 -12.60 14.02 1.33
C TYR A 170 -11.78 13.17 2.27
N LEU A 171 -10.58 13.64 2.55
CA LEU A 171 -9.65 12.94 3.45
C LEU A 171 -10.30 12.74 4.82
N ARG A 172 -10.92 13.80 5.30
CA ARG A 172 -11.54 13.84 6.62
C ARG A 172 -12.76 12.88 6.70
N LEU A 173 -13.63 12.96 5.70
CA LEU A 173 -14.77 12.04 5.58
C LEU A 173 -14.35 10.58 5.54
N LEU A 174 -13.28 10.22 4.82
CA LEU A 174 -12.82 8.83 4.75
C LEU A 174 -12.19 8.40 6.06
N SER A 175 -11.48 9.32 6.72
CA SER A 175 -10.91 9.06 8.02
C SER A 175 -11.99 8.79 9.07
N ASP A 176 -13.15 9.42 8.90
CA ASP A 176 -14.26 9.16 9.82
C ASP A 176 -14.78 7.74 9.75
N LYS A 177 -14.49 7.01 8.68
CA LYS A 177 -14.90 5.61 8.59
C LYS A 177 -14.01 4.65 9.35
N GLY A 178 -12.97 5.18 10.02
CA GLY A 178 -12.05 4.32 10.78
C GLY A 178 -10.62 4.79 10.81
N PRO A 179 -9.95 4.84 9.66
CA PRO A 179 -8.49 5.07 9.58
C PRO A 179 -8.02 6.39 10.15
N GLN A 180 -7.12 6.36 11.13
CA GLN A 180 -6.46 7.57 11.62
C GLN A 180 -5.74 8.35 10.51
N VAL A 181 -5.05 7.61 9.63
CA VAL A 181 -4.27 8.18 8.54
C VAL A 181 -4.84 7.71 7.21
N VAL A 182 -5.18 8.66 6.34
CA VAL A 182 -5.63 8.39 4.99
C VAL A 182 -4.60 9.06 4.07
N ILE A 183 -4.03 8.30 3.13
CA ILE A 183 -3.08 8.81 2.13
C ILE A 183 -3.70 8.59 0.75
N ILE A 184 -3.89 9.68 -0.01
CA ILE A 184 -4.32 9.61 -1.41
C ILE A 184 -3.11 9.77 -2.37
N THR A 185 -2.92 8.81 -3.28
CA THR A 185 -1.86 8.86 -4.28
C THR A 185 -2.44 9.27 -5.64
N SER A 186 -1.53 9.65 -6.54
CA SER A 186 -1.85 10.00 -7.93
C SER A 186 -2.90 11.08 -7.99
N VAL A 187 -2.62 12.19 -7.31
CA VAL A 187 -3.53 13.31 -7.35
C VAL A 187 -2.87 14.32 -8.26
N PRO A 188 -3.56 14.63 -9.37
CA PRO A 188 -3.00 15.59 -10.36
C PRO A 188 -2.72 16.97 -9.73
N VAL A 189 -1.78 17.70 -10.31
CA VAL A 189 -1.38 19.03 -9.80
C VAL A 189 -1.92 20.24 -10.69
N HIS A 190 -1.09 20.80 -11.58
CA HIS A 190 -1.51 21.84 -12.58
C HIS A 190 -0.33 22.09 -13.56
N HIS A 194 2.90 17.19 -16.06
CA HIS A 194 4.27 17.56 -15.70
C HIS A 194 4.59 17.15 -14.23
N LYS A 195 3.58 17.11 -13.36
CA LYS A 195 3.75 17.06 -11.89
C LYS A 195 2.66 16.13 -11.28
N THR A 196 3.00 15.38 -10.23
CA THR A 196 1.99 14.59 -9.49
C THR A 196 2.10 14.81 -7.94
N SER A 197 1.10 14.35 -7.19
CA SER A 197 0.90 14.73 -5.77
C SER A 197 0.37 13.61 -4.90
N VAL A 198 0.83 13.58 -3.65
N VAL A 198 0.86 13.53 -3.67
CA VAL A 198 0.28 12.72 -2.63
CA VAL A 198 0.25 12.69 -2.65
C VAL A 198 -0.26 13.62 -1.52
C VAL A 198 -0.23 13.59 -1.51
N TYR A 199 -1.42 13.28 -0.99
CA TYR A 199 -2.02 14.01 0.12
C TYR A 199 -2.22 13.07 1.25
N ALA A 200 -2.27 13.62 2.46
CA ALA A 200 -2.51 12.83 3.65
C ALA A 200 -3.20 13.63 4.75
N TYR A 201 -4.00 12.90 5.53
CA TYR A 201 -4.62 13.44 6.73
C TYR A 201 -4.31 12.51 7.90
N ASN A 202 -4.10 13.12 9.06
CA ASN A 202 -3.85 12.38 10.33
C ASN A 202 -4.86 12.94 11.33
N ARG A 203 -5.72 12.07 11.83
CA ARG A 203 -6.71 12.48 12.79
C ARG A 203 -6.02 12.99 14.03
N GLN A 204 -4.86 12.42 14.34
CA GLN A 204 -4.07 12.89 15.45
C GLN A 204 -3.40 14.22 15.12
N GLY A 205 -3.79 15.26 15.84
CA GLY A 205 -3.41 16.64 15.54
C GLY A 205 -4.24 17.24 14.43
N ASN A 206 -5.09 16.44 13.75
CA ASN A 206 -5.96 16.98 12.68
C ASN A 206 -5.12 17.69 11.61
N ARG A 207 -4.08 17.03 11.13
CA ARG A 207 -3.11 17.65 10.23
C ARG A 207 -3.28 17.16 8.81
N TYR A 208 -3.10 18.06 7.86
CA TYR A 208 -3.10 17.70 6.46
C TYR A 208 -1.78 18.05 5.78
N TRP A 209 -1.26 17.10 5.01
CA TRP A 209 0.06 17.18 4.42
C TRP A 209 -0.05 16.90 2.93
N LYS A 210 0.85 17.46 2.16
CA LYS A 210 0.98 17.05 0.76
C LYS A 210 2.44 17.07 0.31
N VAL A 211 2.76 16.19 -0.63
CA VAL A 211 4.09 16.17 -1.26
C VAL A 211 3.84 16.23 -2.76
N THR A 212 4.57 17.08 -3.48
CA THR A 212 4.40 17.21 -4.94
C THR A 212 5.73 16.85 -5.58
N CYS A 213 5.73 16.07 -6.66
CA CYS A 213 6.99 15.74 -7.34
C CYS A 213 6.79 15.58 -8.84
N PRO A 214 7.89 15.58 -9.62
CA PRO A 214 7.78 15.39 -11.07
C PRO A 214 7.02 14.13 -11.48
N TYR A 215 6.34 14.23 -12.61
CA TYR A 215 5.68 13.08 -13.20
C TYR A 215 6.29 12.70 -14.57
N LEU A 216 6.83 11.49 -14.67
CA LEU A 216 7.40 10.97 -15.93
C LEU A 216 6.32 10.12 -16.63
N PRO A 217 6.17 10.25 -17.95
CA PRO A 217 5.06 9.54 -18.62
C PRO A 217 5.34 8.05 -18.81
N ALA A 218 5.20 7.27 -17.75
CA ALA A 218 5.39 5.82 -17.83
C ALA A 218 4.64 5.17 -16.66
N HIS A 219 3.95 4.07 -16.92
CA HIS A 219 3.27 3.32 -15.89
C HIS A 219 4.10 2.06 -15.62
N TYR A 220 4.52 1.88 -14.39
CA TYR A 220 5.23 0.65 -13.99
C TYR A 220 4.36 -0.08 -12.98
N PRO A 221 3.76 -1.22 -13.38
CA PRO A 221 3.00 -2.02 -12.45
C PRO A 221 3.85 -2.35 -11.21
N GLY A 222 3.21 -2.29 -10.05
CA GLY A 222 3.91 -2.49 -8.78
C GLY A 222 4.25 -1.19 -8.06
N THR A 223 3.99 -0.05 -8.70
CA THR A 223 4.32 1.27 -8.11
C THR A 223 3.53 1.51 -6.81
N GLY A 224 2.28 1.12 -6.78
CA GLY A 224 1.49 1.27 -5.58
C GLY A 224 1.98 0.42 -4.43
N ASP A 225 2.33 -0.83 -4.71
CA ASP A 225 2.84 -1.74 -3.68
C ASP A 225 4.22 -1.26 -3.17
N THR A 226 5.01 -0.71 -4.08
CA THR A 226 6.28 -0.12 -3.69
C THR A 226 6.07 1.09 -2.76
N PHE A 227 5.20 2.01 -3.17
CA PHE A 227 4.90 3.16 -2.37
C PHE A 227 4.54 2.72 -0.93
N THR A 228 3.55 1.85 -0.84
CA THR A 228 2.93 1.60 0.43
C THR A 228 3.86 0.76 1.29
N SER A 229 4.73 -0.05 0.67
CA SER A 229 5.79 -0.74 1.42
C SER A 229 6.75 0.26 2.05
N VAL A 230 7.09 1.35 1.34
CA VAL A 230 8.01 2.34 1.90
C VAL A 230 7.30 3.15 3.00
N ILE A 231 6.03 3.55 2.76
CA ILE A 231 5.25 4.23 3.80
C ILE A 231 5.28 3.36 5.07
N THR A 232 5.01 2.08 4.90
CA THR A 232 4.84 1.20 6.04
C THR A 232 6.13 1.15 6.83
N GLY A 233 7.24 0.99 6.11
CA GLY A 233 8.53 0.75 6.79
C GLY A 233 9.03 2.05 7.43
N SER A 234 8.78 3.16 6.78
CA SER A 234 9.14 4.46 7.33
C SER A 234 8.37 4.78 8.63
N LEU A 235 7.05 4.54 8.62
CA LEU A 235 6.23 4.69 9.82
C LEU A 235 6.69 3.74 10.94
N MSE A 236 6.96 2.50 10.59
N MSE A 236 7.00 2.49 10.62
CA MSE A 236 7.46 1.50 11.56
CA MSE A 236 7.46 1.58 11.69
C MSE A 236 8.79 1.93 12.13
C MSE A 236 8.88 1.84 12.13
O MSE A 236 9.06 1.67 13.28
O MSE A 236 9.32 1.29 13.13
CB MSE A 236 7.57 0.10 10.94
CB MSE A 236 7.36 0.14 11.24
CG MSE A 236 6.22 -0.58 10.71
CG MSE A 236 5.94 -0.35 11.23
SE MSE A 236 5.27 -1.02 12.38
SE MSE A 236 5.93 -2.08 10.43
CE MSE A 236 6.50 -2.39 13.05
CE MSE A 236 6.34 -3.10 12.09
N GLN A 237 9.63 2.60 11.34
CA GLN A 237 10.89 3.16 11.83
C GLN A 237 10.69 4.38 12.71
N GLY A 238 9.46 4.91 12.88
CA GLY A 238 9.25 6.03 13.75
C GLY A 238 9.25 7.38 13.05
N ASP A 239 9.26 7.38 11.73
CA ASP A 239 9.18 8.64 10.99
C ASP A 239 7.80 9.33 11.12
N SER A 240 7.81 10.64 11.13
CA SER A 240 6.56 11.40 11.05
C SER A 240 5.84 11.08 9.74
N LEU A 241 4.54 11.36 9.73
CA LEU A 241 3.72 11.10 8.53
C LEU A 241 4.27 11.79 7.28
N PRO A 242 4.55 13.11 7.36
CA PRO A 242 5.07 13.79 6.19
C PRO A 242 6.47 13.33 5.76
N MSE A 243 7.32 12.88 6.68
N MSE A 243 7.30 12.89 6.70
CA MSE A 243 8.60 12.34 6.23
CA MSE A 243 8.58 12.31 6.32
C MSE A 243 8.38 11.03 5.50
C MSE A 243 8.39 11.04 5.55
O MSE A 243 9.07 10.75 4.50
O MSE A 243 9.09 10.79 4.55
CB MSE A 243 9.65 12.20 7.33
CB MSE A 243 9.48 12.12 7.53
CG MSE A 243 11.06 12.53 6.80
CG MSE A 243 10.57 13.14 7.55
SE MSE A 243 11.42 14.51 6.72
SE MSE A 243 12.13 12.63 6.35
CE MSE A 243 10.85 14.86 4.97
CE MSE A 243 13.27 13.61 7.56
N ALA A 244 7.40 10.24 5.95
CA ALA A 244 7.07 8.99 5.28
C ALA A 244 6.60 9.32 3.86
N LEU A 245 5.75 10.34 3.70
CA LEU A 245 5.30 10.72 2.38
C LEU A 245 6.51 11.08 1.50
N ASP A 246 7.44 11.81 2.06
CA ASP A 246 8.62 12.25 1.37
C ASP A 246 9.58 11.12 0.98
N ARG A 247 9.89 10.23 1.94
CA ARG A 247 10.76 9.09 1.66
C ARG A 247 10.21 8.19 0.58
N ALA A 248 8.94 7.83 0.72
CA ALA A 248 8.29 6.97 -0.26
C ALA A 248 8.16 7.62 -1.66
N THR A 249 7.79 8.92 -1.73
CA THR A 249 7.64 9.56 -3.04
C THR A 249 9.02 9.71 -3.70
N GLN A 250 10.06 10.07 -2.94
CA GLN A 250 11.42 10.24 -3.49
C GLN A 250 12.01 8.91 -3.92
N PHE A 251 11.74 7.87 -3.14
CA PHE A 251 12.21 6.55 -3.47
C PHE A 251 11.64 6.08 -4.80
N ILE A 252 10.33 6.18 -4.95
CA ILE A 252 9.68 5.89 -6.23
C ILE A 252 10.26 6.74 -7.40
N LEU A 253 10.41 8.04 -7.18
CA LEU A 253 10.97 8.96 -8.20
C LEU A 253 12.38 8.52 -8.60
N GLN A 254 13.20 8.17 -7.60
CA GLN A 254 14.55 7.65 -7.89
C GLN A 254 14.52 6.39 -8.74
N GLY A 255 13.61 5.50 -8.41
CA GLY A 255 13.49 4.26 -9.17
C GLY A 255 13.03 4.48 -10.59
N ILE A 256 12.04 5.35 -10.78
CA ILE A 256 11.59 5.68 -12.12
C ILE A 256 12.72 6.34 -12.91
N ARG A 257 13.44 7.31 -12.32
CA ARG A 257 14.59 7.95 -12.98
C ARG A 257 15.68 6.92 -13.41
N ALA A 258 15.93 5.95 -12.54
CA ALA A 258 16.86 4.85 -12.84
C ALA A 258 16.32 3.94 -13.96
N THR A 259 15.02 3.98 -14.27
CA THR A 259 14.42 3.05 -15.23
C THR A 259 14.11 3.70 -16.60
N PHE A 260 13.47 4.88 -16.57
CA PHE A 260 13.00 5.61 -17.76
C PHE A 260 14.00 5.92 -18.89
N GLY A 261 15.28 6.04 -18.58
CA GLY A 261 16.26 6.34 -19.63
C GLY A 261 16.67 5.17 -20.53
N TYR A 262 16.22 3.97 -20.22
CA TYR A 262 16.51 2.77 -21.00
C TYR A 262 15.35 2.49 -21.99
N GLU A 263 15.63 1.95 -23.19
CA GLU A 263 14.60 1.19 -23.95
C GLU A 263 14.22 -0.02 -23.06
N TYR A 264 12.96 -0.12 -22.68
CA TYR A 264 12.54 -0.95 -21.57
C TYR A 264 11.09 -1.37 -21.69
N ASP A 265 10.77 -2.57 -21.24
CA ASP A 265 9.40 -3.05 -21.24
C ASP A 265 8.88 -2.73 -19.85
N ASN A 266 7.98 -1.74 -19.78
CA ASN A 266 7.57 -1.14 -18.53
C ASN A 266 6.86 -2.10 -17.60
N ARG A 267 6.32 -3.15 -18.19
CA ARG A 267 5.55 -4.13 -17.44
C ARG A 267 6.44 -4.90 -16.45
N GLU A 268 7.73 -4.92 -16.71
CA GLU A 268 8.70 -5.50 -15.79
C GLU A 268 8.87 -4.71 -14.47
N GLY A 269 8.38 -3.47 -14.40
CA GLY A 269 8.44 -2.70 -13.17
C GLY A 269 9.63 -1.76 -13.09
N ILE A 270 9.62 -0.93 -12.04
CA ILE A 270 10.77 -0.08 -11.70
C ILE A 270 11.99 -1.00 -11.41
N LEU A 271 13.21 -0.58 -11.80
CA LEU A 271 14.43 -1.38 -11.50
C LEU A 271 14.82 -1.26 -9.98
N LEU A 272 13.97 -1.80 -9.16
CA LEU A 272 14.06 -1.68 -7.74
C LEU A 272 15.44 -1.96 -7.16
N GLU A 273 16.12 -2.96 -7.72
CA GLU A 273 17.39 -3.38 -7.16
C GLU A 273 18.46 -2.31 -7.34
N LYS A 274 18.31 -1.45 -8.36
CA LYS A 274 19.29 -0.40 -8.57
C LYS A 274 19.13 0.69 -7.55
N VAL A 275 17.97 0.80 -6.89
CA VAL A 275 17.77 1.85 -5.89
C VAL A 275 17.42 1.39 -4.46
N LEU A 276 17.28 0.09 -4.19
CA LEU A 276 16.95 -0.36 -2.85
C LEU A 276 17.79 0.32 -1.75
N HIS A 277 19.09 0.43 -1.97
CA HIS A 277 19.94 0.95 -0.92
C HIS A 277 19.91 2.45 -0.79
N ASN A 278 19.18 3.15 -1.68
CA ASN A 278 19.00 4.59 -1.48
C ASN A 278 18.34 4.83 -0.12
N LEU A 279 17.42 3.94 0.29
CA LEU A 279 16.75 4.05 1.57
C LEU A 279 17.73 4.08 2.77
N ASP A 280 18.94 3.57 2.59
CA ASP A 280 19.96 3.67 3.67
C ASP A 280 20.44 5.14 3.95
N MSE A 281 20.34 6.04 2.96
N MSE A 281 20.26 6.06 3.00
CA MSE A 281 20.84 7.44 3.00
CA MSE A 281 20.82 7.42 3.07
C MSE A 281 19.76 8.30 3.67
C MSE A 281 19.76 8.39 3.56
O MSE A 281 18.56 8.05 3.48
O MSE A 281 18.60 8.33 3.12
CB MSE A 281 21.03 8.04 1.58
CB MSE A 281 21.26 7.90 1.68
CG MSE A 281 22.36 7.81 0.72
CG MSE A 281 22.29 7.05 0.99
SE MSE A 281 22.30 8.88 -1.03
SE MSE A 281 23.96 7.16 1.89
CE MSE A 281 23.22 10.50 -0.44
CE MSE A 281 24.58 5.33 1.56
N PRO A 282 20.17 9.33 4.43
CA PRO A 282 19.16 10.28 4.93
C PRO A 282 18.68 11.20 3.83
N ILE A 283 17.40 11.59 3.87
CA ILE A 283 16.86 12.57 2.92
C ILE A 283 17.60 13.87 3.06
N GLN A 284 18.24 14.32 1.99
CA GLN A 284 18.86 15.65 1.99
C GLN A 284 17.91 16.81 1.63
N MSE A 285 16.89 16.62 0.81
CA MSE A 285 15.88 17.70 0.53
C MSE A 285 14.46 17.15 0.69
O MSE A 285 14.02 16.37 -0.13
CB MSE A 285 16.06 18.32 -0.88
N ALA A 286 13.76 17.49 1.76
CA ALA A 286 12.30 17.31 1.86
C ALA A 286 11.48 18.29 0.97
N SER A 287 10.23 18.00 0.66
CA SER A 287 9.34 18.94 -0.03
C SER A 287 7.91 18.98 0.55
N TYR A 288 7.66 18.28 1.67
CA TYR A 288 6.30 18.23 2.19
C TYR A 288 5.80 19.59 2.58
N GLU A 289 4.48 19.67 2.56
CA GLU A 289 3.79 20.92 2.86
C GLU A 289 2.65 20.63 3.81
N LEU A 290 2.48 21.52 4.78
CA LEU A 290 1.34 21.46 5.66
C LEU A 290 0.26 22.27 4.94
N ILE A 291 -0.93 21.70 4.76
CA ILE A 291 -1.99 22.44 4.08
C ILE A 291 -3.24 22.57 4.94
ZN ZN B . 22.35 -1.07 2.17
ZN ZN C . -15.38 -15.02 10.09
ZN ZN D . -3.25 0.80 -6.01
CL CL E . 11.68 -11.43 25.85
S SO4 F . 0.27 0.01 -9.96
O1 SO4 F . -0.92 0.55 -10.64
O2 SO4 F . 1.40 0.82 -10.44
O3 SO4 F . 0.38 -1.43 -10.27
O4 SO4 F . 0.14 0.16 -8.52
S SO4 G . -11.08 -5.45 15.25
O1 SO4 G . -10.04 -5.84 14.29
O2 SO4 G . -10.64 -5.82 16.59
O3 SO4 G . -12.33 -6.15 14.91
O4 SO4 G . -11.35 -4.03 15.14
N1 IMD H . -17.59 -7.30 6.73
C2 IMD H . -16.52 -7.60 5.95
N3 IMD H . -15.42 -7.74 6.74
C4 IMD H . -15.81 -7.51 8.04
C5 IMD H . -17.17 -7.24 8.03
C1 MPD I . -2.06 -15.87 20.34
C2 MPD I . -3.10 -15.03 19.58
O2 MPD I . -3.65 -15.89 18.56
CM MPD I . -4.22 -14.61 20.54
C3 MPD I . -2.54 -13.85 18.78
C4 MPD I . -1.19 -13.34 19.26
O4 MPD I . -0.17 -14.27 18.93
C5 MPD I . -0.89 -11.98 18.64
C1 MRD J . -0.40 5.55 12.50
C2 MRD J . 0.75 6.31 13.14
O2 MRD J . 0.25 6.78 14.42
CM MRD J . 1.90 5.33 13.37
C3 MRD J . 1.14 7.59 12.36
C4 MRD J . 2.49 8.15 12.80
O4 MRD J . 2.58 8.23 14.21
C5 MRD J . 2.75 9.54 12.22
C1 MPD K . 2.47 18.99 13.63
C2 MPD K . 2.84 20.46 13.49
O2 MPD K . 4.18 20.66 14.06
CM MPD K . 2.88 20.74 12.00
C3 MPD K . 1.84 21.41 14.17
C4 MPD K . 2.32 22.85 14.46
O4 MPD K . 2.49 23.52 13.21
C5 MPD K . 1.35 23.68 15.33
C1 MRD L . 10.06 12.81 -19.60
C2 MRD L . 10.85 13.71 -18.67
O2 MRD L . 11.25 14.90 -19.36
CM MRD L . 12.09 12.96 -18.16
C3 MRD L . 9.89 14.22 -17.58
C4 MRD L . 10.51 15.26 -16.65
O4 MRD L . 9.47 15.67 -15.79
C5 MRD L . 11.03 16.50 -17.33
#